data_8HPG
#
_entry.id   8HPG
#
_cell.length_a   89.896
_cell.length_b   48.970
_cell.length_c   89.896
_cell.angle_alpha   90.00
_cell.angle_beta   116.72
_cell.angle_gamma   90.00
#
_symmetry.space_group_name_H-M   'P 1 21 1'
#
_entity_poly.entity_id   1
_entity_poly.type   'polypeptide(L)'
_entity_poly.pdbx_seq_one_letter_code
;MMKILNSFSLKPEQRQTLEAAGHTVIDADKLDDATAQQIDVVYGWNAAATRVNFDRLQFVQAMSAGVDYLPLAELAKHHV
LLANTSGIHAEPIAEYVLGALFTISRGILPAIRADRDMWTLRQERPPMTLLKGKTAVIFGTGHIGSTIATKLQALGLHTI
GVSAHGRPAAGFDQVMTDVATHEAAGRADVVINALPLTPDTKHFYDEAFFAAASKQPLFINIGRGPSVDMAALTQALKNK
QISAAALDVVDPEPLPQDSPLWGMTNVLLTPHISGTVPQLRDKVFKIFNDNLKTLISSGQLASHQVDLTRGY
;
_entity_poly.pdbx_strand_id   A,B
#
# COMPACT_ATOMS: atom_id res chain seq x y z
N MET A 1 -9.51 31.41 9.03
CA MET A 1 -10.38 30.38 8.35
C MET A 1 -9.57 29.69 7.25
N MET A 2 -9.35 28.38 7.38
CA MET A 2 -8.52 27.52 6.48
C MET A 2 -9.37 26.43 5.80
N LYS A 3 -8.83 25.83 4.74
CA LYS A 3 -9.37 24.62 4.07
C LYS A 3 -8.35 23.48 4.22
N ILE A 4 -8.65 22.54 5.12
CA ILE A 4 -7.73 21.44 5.54
C ILE A 4 -8.03 20.18 4.73
N LEU A 5 -7.04 19.65 4.00
CA LEU A 5 -7.13 18.35 3.29
C LEU A 5 -6.85 17.20 4.26
N ASN A 6 -7.91 16.53 4.73
CA ASN A 6 -7.85 15.28 5.55
C ASN A 6 -7.30 14.15 4.66
N SER A 7 -6.00 13.84 4.81
CA SER A 7 -5.30 12.69 4.17
C SER A 7 -4.94 11.65 5.23
N PHE A 8 -5.48 11.82 6.45
CA PHE A 8 -5.29 10.90 7.62
C PHE A 8 -6.61 10.84 8.42
N SER A 9 -7.72 10.50 7.73
CA SER A 9 -9.01 9.90 8.23
C SER A 9 -9.46 10.43 9.60
N LEU A 10 -9.47 11.75 9.82
CA LEU A 10 -9.78 12.39 11.14
C LEU A 10 -10.95 11.67 11.83
N LYS A 11 -10.88 11.56 13.16
CA LYS A 11 -11.97 11.03 14.02
C LYS A 11 -13.16 11.99 14.01
N PRO A 12 -14.39 11.48 14.27
CA PRO A 12 -15.61 12.30 14.24
C PRO A 12 -15.66 13.43 15.29
N GLU A 13 -14.80 13.36 16.31
CA GLU A 13 -14.65 14.42 17.34
C GLU A 13 -13.65 15.47 16.80
N GLN A 14 -12.51 15.00 16.25
CA GLN A 14 -11.37 15.84 15.80
C GLN A 14 -11.82 16.71 14.61
N ARG A 15 -12.40 16.06 13.59
CA ARG A 15 -13.10 16.72 12.45
C ARG A 15 -14.08 17.77 13.02
N GLN A 16 -15.04 17.26 13.79
CA GLN A 16 -16.12 17.98 14.50
C GLN A 16 -15.50 19.11 15.33
N THR A 17 -14.29 18.91 15.87
CA THR A 17 -13.53 19.94 16.62
C THR A 17 -13.03 21.02 15.66
N LEU A 18 -12.47 20.62 14.52
CA LEU A 18 -11.79 21.50 13.53
C LEU A 18 -12.79 22.48 12.89
N GLU A 19 -13.99 22.00 12.52
CA GLU A 19 -14.98 22.70 11.63
C GLU A 19 -15.55 24.00 12.24
N ALA A 20 -15.21 24.32 13.50
CA ALA A 20 -15.81 25.40 14.31
C ALA A 20 -14.99 26.70 14.23
N ALA A 21 -13.65 26.60 14.26
CA ALA A 21 -12.71 27.75 14.19
C ALA A 21 -12.72 28.34 12.77
N GLY A 22 -13.55 27.78 11.90
CA GLY A 22 -13.83 28.21 10.52
C GLY A 22 -12.91 27.51 9.53
N HIS A 23 -12.74 26.18 9.65
CA HIS A 23 -11.82 25.36 8.80
C HIS A 23 -12.59 24.19 8.14
N THR A 24 -12.85 24.29 6.84
CA THR A 24 -13.60 23.27 6.05
C THR A 24 -12.72 22.01 5.88
N VAL A 25 -13.20 20.88 6.41
CA VAL A 25 -12.47 19.57 6.41
C VAL A 25 -12.94 18.73 5.21
N ILE A 26 -12.02 18.39 4.31
CA ILE A 26 -12.25 17.61 3.05
C ILE A 26 -11.54 16.26 3.19
N ASP A 27 -12.30 15.16 3.16
CA ASP A 27 -11.78 13.77 3.01
C ASP A 27 -11.14 13.63 1.62
N ALA A 28 -10.00 12.95 1.55
CA ALA A 28 -9.19 12.74 0.33
C ALA A 28 -10.08 12.35 -0.86
N ASP A 29 -11.03 11.42 -0.62
CA ASP A 29 -11.90 10.80 -1.65
C ASP A 29 -12.99 11.78 -2.13
N LYS A 30 -13.23 12.87 -1.40
CA LYS A 30 -14.24 13.93 -1.72
C LYS A 30 -13.59 15.15 -2.40
N LEU A 31 -12.26 15.09 -2.63
CA LEU A 31 -11.47 16.15 -3.30
C LEU A 31 -11.76 16.11 -4.81
N ASP A 32 -12.30 17.22 -5.35
CA ASP A 32 -12.45 17.46 -6.82
C ASP A 32 -11.35 18.44 -7.30
N ASP A 33 -11.24 18.64 -8.62
CA ASP A 33 -10.14 19.42 -9.25
C ASP A 33 -10.19 20.88 -8.78
N ALA A 34 -11.41 21.46 -8.73
CA ALA A 34 -11.68 22.87 -8.32
C ALA A 34 -11.25 23.10 -6.86
N THR A 35 -11.71 22.23 -5.94
CA THR A 35 -11.47 22.32 -4.48
C THR A 35 -9.98 22.05 -4.17
N ALA A 36 -9.34 21.11 -4.89
CA ALA A 36 -7.91 20.71 -4.76
C ALA A 36 -6.97 21.93 -4.91
N GLN A 37 -7.41 22.95 -5.66
CA GLN A 37 -6.66 24.22 -5.85
C GLN A 37 -6.85 25.15 -4.65
N GLN A 38 -7.94 24.96 -3.89
CA GLN A 38 -8.35 25.79 -2.72
C GLN A 38 -7.87 25.17 -1.40
N ILE A 39 -7.01 24.15 -1.45
CA ILE A 39 -6.40 23.49 -0.25
C ILE A 39 -5.37 24.48 0.35
N ASP A 40 -5.45 24.66 1.67
CA ASP A 40 -4.51 25.47 2.49
C ASP A 40 -3.61 24.56 3.32
N VAL A 41 -4.19 23.60 4.04
CA VAL A 41 -3.48 22.70 5.00
C VAL A 41 -3.66 21.24 4.55
N VAL A 42 -2.63 20.41 4.77
CA VAL A 42 -2.65 18.94 4.47
C VAL A 42 -2.20 18.15 5.72
N TYR A 43 -3.19 17.58 6.43
CA TYR A 43 -3.02 16.71 7.62
C TYR A 43 -2.68 15.30 7.13
N GLY A 44 -1.39 14.99 7.02
CA GLY A 44 -0.88 13.72 6.45
C GLY A 44 -0.44 13.89 5.00
N TRP A 45 -0.38 12.78 4.25
CA TRP A 45 0.02 12.78 2.81
C TRP A 45 -0.37 11.44 2.16
N ASN A 46 -0.88 11.51 0.93
CA ASN A 46 -1.26 10.37 0.05
C ASN A 46 -1.30 10.89 -1.40
N ALA A 47 -2.15 10.30 -2.26
CA ALA A 47 -2.28 10.62 -3.70
C ALA A 47 -3.21 11.83 -3.91
N ALA A 48 -3.97 12.23 -2.87
CA ALA A 48 -4.86 13.41 -2.88
C ALA A 48 -4.12 14.66 -2.33
N ALA A 49 -2.89 14.48 -1.85
CA ALA A 49 -2.00 15.56 -1.32
C ALA A 49 -0.99 16.02 -2.37
N THR A 50 -0.89 15.31 -3.51
CA THR A 50 -0.01 15.68 -4.67
C THR A 50 -0.77 16.64 -5.60
N ARG A 51 -2.10 16.53 -5.65
CA ARG A 51 -3.00 17.29 -6.57
C ARG A 51 -3.22 18.71 -6.06
N VAL A 52 -2.93 18.96 -4.77
CA VAL A 52 -3.26 20.24 -4.07
C VAL A 52 -2.45 21.37 -4.70
N ASN A 53 -3.02 22.59 -4.64
CA ASN A 53 -2.34 23.85 -5.05
C ASN A 53 -1.22 24.21 -4.07
N PHE A 54 0.03 23.86 -4.42
CA PHE A 54 1.28 24.21 -3.69
C PHE A 54 1.45 25.75 -3.63
N ASP A 55 1.08 26.46 -4.69
CA ASP A 55 1.24 27.94 -4.80
C ASP A 55 0.36 28.64 -3.75
N ARG A 56 -0.66 27.94 -3.23
CA ARG A 56 -1.58 28.43 -2.17
C ARG A 56 -1.25 27.74 -0.84
N LEU A 57 -1.05 26.41 -0.91
CA LEU A 57 -0.64 25.52 0.22
C LEU A 57 0.36 26.27 1.11
N GLN A 58 0.16 26.14 2.43
CA GLN A 58 0.86 26.94 3.48
C GLN A 58 1.59 25.97 4.44
N PHE A 59 0.87 24.97 4.97
CA PHE A 59 1.36 24.01 5.99
C PHE A 59 0.96 22.56 5.61
N VAL A 60 1.88 21.62 5.90
CA VAL A 60 1.71 20.15 5.73
C VAL A 60 2.16 19.46 7.02
N GLN A 61 1.27 18.64 7.60
CA GLN A 61 1.58 17.82 8.81
C GLN A 61 1.79 16.37 8.39
N ALA A 62 3.06 15.96 8.27
CA ALA A 62 3.48 14.56 8.08
C ALA A 62 3.02 13.73 9.27
N MET A 63 2.79 12.43 9.03
CA MET A 63 2.25 11.46 10.02
C MET A 63 3.38 10.67 10.68
N SER A 64 4.62 10.82 10.16
CA SER A 64 5.85 10.12 10.63
C SER A 64 6.93 11.13 11.05
N ALA A 65 8.06 10.62 11.59
CA ALA A 65 9.25 11.40 12.05
C ALA A 65 10.13 11.81 10.87
N GLY A 66 10.26 10.96 9.84
CA GLY A 66 10.92 11.30 8.57
C GLY A 66 10.09 12.26 7.73
N VAL A 67 10.63 12.68 6.57
CA VAL A 67 9.91 13.48 5.54
C VAL A 67 10.54 13.19 4.16
N ASP A 68 10.97 11.95 3.93
CA ASP A 68 11.81 11.50 2.79
C ASP A 68 10.92 10.92 1.67
N TYR A 69 9.61 10.90 1.88
CA TYR A 69 8.56 10.47 0.92
C TYR A 69 7.78 11.68 0.35
N LEU A 70 7.99 12.87 0.94
CA LEU A 70 7.30 14.14 0.56
C LEU A 70 8.04 14.81 -0.61
N PRO A 71 7.38 15.71 -1.37
CA PRO A 71 8.09 16.59 -2.31
C PRO A 71 8.69 17.78 -1.54
N LEU A 72 9.80 17.54 -0.82
CA LEU A 72 10.53 18.53 0.03
C LEU A 72 10.93 19.72 -0.83
N ALA A 73 11.62 19.43 -1.95
CA ALA A 73 12.16 20.39 -2.94
C ALA A 73 11.04 21.29 -3.49
N GLU A 74 9.85 20.71 -3.71
CA GLU A 74 8.61 21.46 -4.09
C GLU A 74 8.23 22.39 -2.93
N LEU A 75 8.15 21.85 -1.70
CA LEU A 75 7.65 22.53 -0.46
C LEU A 75 8.60 23.66 -0.03
N ALA A 76 9.92 23.46 -0.23
CA ALA A 76 11.04 24.38 0.16
C ALA A 76 11.21 25.51 -0.85
N LYS A 77 10.73 25.33 -2.07
CA LYS A 77 10.70 26.33 -3.18
C LYS A 77 9.46 27.22 -3.00
N HIS A 78 8.35 26.62 -2.56
CA HIS A 78 7.08 27.30 -2.13
C HIS A 78 7.23 27.86 -0.71
N HIS A 79 8.23 27.37 0.03
CA HIS A 79 8.46 27.58 1.49
C HIS A 79 7.18 27.25 2.26
N VAL A 80 6.56 26.10 1.93
CA VAL A 80 5.39 25.51 2.64
C VAL A 80 5.90 24.89 3.95
N LEU A 81 5.29 25.27 5.09
CA LEU A 81 5.72 24.87 6.46
C LEU A 81 5.39 23.39 6.66
N LEU A 82 6.38 22.63 7.13
CA LEU A 82 6.30 21.17 7.34
C LEU A 82 6.53 20.89 8.83
N ALA A 83 5.57 20.22 9.47
CA ALA A 83 5.70 19.63 10.82
C ALA A 83 5.63 18.10 10.70
N ASN A 84 6.66 17.42 11.21
CA ASN A 84 6.70 15.95 11.41
C ASN A 84 6.12 15.63 12.79
N THR A 85 6.29 14.40 13.28
CA THR A 85 5.82 13.94 14.62
C THR A 85 7.01 13.47 15.46
N SER A 86 8.19 14.08 15.26
CA SER A 86 9.49 13.66 15.87
C SER A 86 9.45 13.72 17.40
N GLY A 87 9.76 12.59 18.05
CA GLY A 87 9.91 12.50 19.51
C GLY A 87 8.79 11.70 20.18
N ILE A 88 7.55 11.75 19.65
CA ILE A 88 6.44 10.88 20.13
C ILE A 88 6.76 9.44 19.70
N HIS A 89 7.58 9.28 18.64
CA HIS A 89 8.08 8.00 18.09
C HIS A 89 9.34 7.54 18.82
N ALA A 90 9.92 8.36 19.71
CA ALA A 90 11.21 8.10 20.38
C ALA A 90 11.11 6.93 21.38
N GLU A 91 10.06 6.92 22.21
CA GLU A 91 9.89 6.01 23.39
C GLU A 91 9.65 4.57 22.94
N PRO A 92 8.67 4.29 22.03
CA PRO A 92 8.51 2.95 21.46
C PRO A 92 9.74 2.42 20.70
N ILE A 93 10.39 3.26 19.88
CA ILE A 93 11.61 2.90 19.08
C ILE A 93 12.74 2.51 20.03
N ALA A 94 12.83 3.16 21.19
CA ALA A 94 13.84 2.91 22.26
C ALA A 94 13.46 1.68 23.10
N GLU A 95 12.19 1.26 23.06
CA GLU A 95 11.68 -0.03 23.61
C GLU A 95 11.90 -1.15 22.59
N TYR A 96 11.81 -0.84 21.29
CA TYR A 96 12.00 -1.79 20.15
C TYR A 96 13.48 -2.16 20.00
N VAL A 97 14.38 -1.18 20.13
CA VAL A 97 15.87 -1.33 20.07
C VAL A 97 16.34 -2.24 21.22
N LEU A 98 15.83 -2.00 22.44
CA LEU A 98 16.07 -2.86 23.63
C LEU A 98 15.50 -4.26 23.39
N GLY A 99 14.29 -4.35 22.81
CA GLY A 99 13.64 -5.61 22.38
C GLY A 99 14.44 -6.32 21.30
N ALA A 100 15.16 -5.56 20.47
CA ALA A 100 16.04 -6.02 19.36
C ALA A 100 17.51 -6.12 19.82
N LEU A 101 17.75 -5.95 21.13
CA LEU A 101 19.07 -6.19 21.81
C LEU A 101 19.01 -7.54 22.54
N PHE A 102 17.98 -7.76 23.36
CA PHE A 102 17.76 -9.00 24.17
C PHE A 102 17.49 -10.21 23.24
N THR A 103 16.58 -10.04 22.26
CA THR A 103 16.15 -11.11 21.31
C THR A 103 17.40 -11.76 20.68
N ILE A 104 18.41 -10.96 20.34
CA ILE A 104 19.68 -11.40 19.68
C ILE A 104 20.71 -11.81 20.74
N SER A 105 20.92 -10.98 21.77
CA SER A 105 22.05 -11.10 22.75
C SER A 105 21.85 -12.28 23.71
N ARG A 106 20.60 -12.76 23.90
CA ARG A 106 20.21 -13.79 24.92
C ARG A 106 19.69 -15.08 24.26
N GLY A 107 19.89 -15.25 22.95
CA GLY A 107 19.54 -16.46 22.18
C GLY A 107 18.04 -16.69 22.06
N ILE A 108 17.23 -15.65 22.33
CA ILE A 108 15.75 -15.65 22.09
C ILE A 108 15.52 -15.79 20.58
N LEU A 109 16.34 -15.13 19.76
CA LEU A 109 16.26 -15.23 18.28
C LEU A 109 16.61 -16.67 17.88
N PRO A 110 17.87 -17.15 17.94
CA PRO A 110 18.20 -18.52 17.50
C PRO A 110 17.38 -19.65 18.16
N ALA A 111 16.47 -19.30 19.07
CA ALA A 111 15.35 -20.15 19.57
C ALA A 111 14.11 -20.03 18.66
N ILE A 112 13.39 -18.90 18.71
CA ILE A 112 11.99 -18.69 18.19
C ILE A 112 11.81 -19.23 16.76
N ARG A 113 12.85 -19.20 15.93
CA ARG A 113 12.84 -19.73 14.54
C ARG A 113 13.00 -21.25 14.54
N ALA A 114 13.91 -21.79 15.38
CA ALA A 114 14.09 -23.25 15.59
C ALA A 114 12.68 -23.88 15.67
N ASP A 115 12.49 -25.09 15.14
CA ASP A 115 11.16 -25.73 14.98
C ASP A 115 10.47 -25.98 16.35
N ARG A 116 9.26 -26.54 16.34
CA ARG A 116 8.48 -26.90 17.55
C ARG A 116 8.39 -28.43 17.68
N TRP A 119 12.96 -29.10 23.05
CA TRP A 119 12.93 -28.92 24.53
C TRP A 119 14.29 -29.30 25.10
N THR A 120 14.85 -30.42 24.63
CA THR A 120 16.25 -30.80 24.95
C THR A 120 17.14 -29.71 24.35
N LEU A 121 17.88 -29.01 25.19
CA LEU A 121 18.81 -27.96 24.74
C LEU A 121 20.20 -28.59 24.56
N ARG A 122 20.28 -29.82 24.09
CA ARG A 122 21.59 -30.52 23.99
C ARG A 122 22.46 -29.86 22.92
N GLN A 123 21.89 -29.45 21.78
CA GLN A 123 22.71 -28.73 20.76
C GLN A 123 23.29 -27.45 21.35
N GLU A 124 24.58 -27.16 21.10
CA GLU A 124 25.30 -25.97 21.65
C GLU A 124 24.37 -24.76 21.66
N ARG A 125 24.43 -23.98 22.73
CA ARG A 125 23.72 -22.68 22.84
C ARG A 125 24.42 -21.67 21.93
N PRO A 126 23.65 -20.70 21.39
CA PRO A 126 24.25 -19.57 20.67
C PRO A 126 25.02 -18.69 21.65
N PRO A 127 26.33 -18.44 21.43
CA PRO A 127 27.17 -17.78 22.42
C PRO A 127 26.60 -16.41 22.84
N MET A 128 25.81 -16.41 23.92
CA MET A 128 25.01 -15.24 24.39
C MET A 128 25.95 -14.18 24.98
N THR A 129 25.55 -12.90 24.87
CA THR A 129 26.34 -11.71 25.29
C THR A 129 25.49 -10.84 26.24
N LEU A 130 26.06 -10.53 27.40
CA LEU A 130 25.51 -9.58 28.40
C LEU A 130 25.79 -8.15 27.93
N LEU A 131 24.82 -7.24 28.09
CA LEU A 131 24.86 -5.87 27.52
C LEU A 131 25.75 -4.94 28.36
N LYS A 132 25.79 -5.12 29.69
CA LYS A 132 26.57 -4.29 30.65
C LYS A 132 28.07 -4.50 30.43
N GLY A 133 28.80 -3.44 30.06
CA GLY A 133 30.24 -3.46 29.74
C GLY A 133 30.50 -3.41 28.24
N LYS A 134 29.45 -3.15 27.42
CA LYS A 134 29.52 -3.11 25.93
C LYS A 134 29.20 -1.69 25.43
N THR A 135 29.85 -1.29 24.32
CA THR A 135 29.76 0.05 23.65
C THR A 135 28.67 0.03 22.56
N ALA A 136 27.56 0.73 22.80
CA ALA A 136 26.42 0.87 21.88
C ALA A 136 26.53 2.20 21.13
N VAL A 137 27.14 2.17 19.95
CA VAL A 137 27.35 3.36 19.07
C VAL A 137 26.00 3.69 18.40
N ILE A 138 25.62 4.99 18.41
CA ILE A 138 24.30 5.50 17.95
C ILE A 138 24.52 6.70 17.01
N PHE A 139 24.36 6.47 15.71
CA PHE A 139 24.42 7.51 14.65
C PHE A 139 23.08 8.25 14.60
N GLY A 140 23.13 9.59 14.69
CA GLY A 140 21.98 10.47 14.98
C GLY A 140 21.87 10.72 16.47
N THR A 141 21.94 11.99 16.89
CA THR A 141 21.79 12.42 18.32
C THR A 141 20.54 13.30 18.46
N GLY A 142 19.48 12.97 17.69
CA GLY A 142 18.13 13.55 17.82
C GLY A 142 17.32 12.86 18.91
N HIS A 143 16.05 13.26 19.10
CA HIS A 143 15.19 12.85 20.24
C HIS A 143 15.21 11.32 20.38
N ILE A 144 15.10 10.62 19.25
CA ILE A 144 15.09 9.13 19.15
C ILE A 144 16.45 8.59 19.64
N GLY A 145 17.57 9.18 19.19
CA GLY A 145 18.94 8.75 19.53
C GLY A 145 19.26 8.94 21.00
N SER A 146 18.86 10.09 21.59
CA SER A 146 19.07 10.48 23.02
C SER A 146 18.33 9.52 23.96
N THR A 147 17.09 9.16 23.61
CA THR A 147 16.14 8.31 24.40
C THR A 147 16.73 6.90 24.51
N ILE A 148 17.16 6.30 23.39
CA ILE A 148 17.83 4.95 23.32
C ILE A 148 19.11 4.98 24.17
N ALA A 149 19.87 6.10 24.13
CA ALA A 149 21.19 6.30 24.78
C ALA A 149 21.05 6.34 26.31
N THR A 150 19.99 6.98 26.81
CA THR A 150 19.53 6.97 28.23
C THR A 150 19.27 5.52 28.69
N LYS A 151 18.38 4.79 27.98
CA LYS A 151 17.85 3.43 28.27
C LYS A 151 18.93 2.34 28.15
N LEU A 152 20.08 2.67 27.56
CA LEU A 152 21.26 1.79 27.44
C LEU A 152 22.31 2.16 28.50
N GLN A 153 22.39 3.44 28.89
CA GLN A 153 23.26 3.91 30.00
C GLN A 153 22.81 3.26 31.31
N ALA A 154 21.48 3.16 31.51
CA ALA A 154 20.82 2.46 32.63
C ALA A 154 21.32 1.00 32.70
N LEU A 155 21.12 0.24 31.61
CA LEU A 155 21.50 -1.21 31.46
C LEU A 155 23.02 -1.39 31.51
N GLY A 156 23.78 -0.27 31.56
CA GLY A 156 25.21 -0.21 31.92
C GLY A 156 26.13 -0.19 30.70
N LEU A 157 25.65 0.34 29.57
CA LEU A 157 26.37 0.40 28.27
C LEU A 157 27.12 1.74 28.15
N HIS A 158 28.29 1.73 27.49
CA HIS A 158 29.11 2.92 27.12
C HIS A 158 28.60 3.50 25.79
N THR A 159 27.69 4.47 25.84
CA THR A 159 27.03 5.06 24.65
C THR A 159 28.00 6.03 23.95
N ILE A 160 27.94 6.10 22.62
CA ILE A 160 28.74 7.03 21.76
C ILE A 160 27.84 7.57 20.64
N GLY A 161 27.39 8.83 20.76
CA GLY A 161 26.57 9.52 19.75
C GLY A 161 27.40 9.92 18.54
N VAL A 162 26.82 9.80 17.33
CA VAL A 162 27.49 10.21 16.06
C VAL A 162 26.52 11.08 15.24
N SER A 163 26.62 12.41 15.43
CA SER A 163 25.91 13.47 14.66
C SER A 163 26.85 14.09 13.61
N ALA A 164 26.39 15.13 12.91
CA ALA A 164 27.14 15.87 11.87
C ALA A 164 28.33 16.61 12.49
N HIS A 165 28.09 17.33 13.59
CA HIS A 165 29.05 18.29 14.23
C HIS A 165 29.79 17.66 15.42
N GLY A 166 29.15 16.76 16.18
CA GLY A 166 29.66 16.19 17.45
C GLY A 166 29.40 17.08 18.64
N ARG A 167 28.16 17.58 18.77
CA ARG A 167 27.71 18.43 19.91
C ARG A 167 27.28 17.52 21.07
N PRO A 168 27.55 17.90 22.34
CA PRO A 168 27.00 17.18 23.50
C PRO A 168 25.46 17.06 23.44
N ALA A 169 24.94 15.84 23.63
CA ALA A 169 23.50 15.49 23.68
C ALA A 169 23.20 14.67 24.94
N ALA A 170 21.93 14.39 25.20
CA ALA A 170 21.44 13.72 26.44
C ALA A 170 21.55 12.20 26.32
N GLY A 171 22.01 11.54 27.38
CA GLY A 171 22.10 10.08 27.50
C GLY A 171 23.34 9.52 26.83
N PHE A 172 24.33 10.38 26.54
CA PHE A 172 25.61 10.01 25.84
C PHE A 172 26.81 10.39 26.71
N ASP A 173 27.78 9.47 26.84
CA ASP A 173 29.08 9.67 27.54
C ASP A 173 29.91 10.70 26.76
N GLN A 174 30.21 10.39 25.48
CA GLN A 174 30.91 11.26 24.50
C GLN A 174 30.11 11.26 23.18
N VAL A 175 30.01 12.42 22.52
CA VAL A 175 29.42 12.55 21.15
C VAL A 175 30.57 12.83 20.17
N MET A 176 30.60 12.09 19.05
CA MET A 176 31.66 12.15 18.01
C MET A 176 31.08 12.77 16.72
N THR A 177 31.95 13.04 15.74
CA THR A 177 31.60 13.60 14.42
C THR A 177 31.45 12.47 13.39
N ASP A 178 30.75 12.74 12.29
CA ASP A 178 30.37 11.75 11.24
C ASP A 178 31.54 11.53 10.26
N VAL A 179 32.71 12.14 10.52
CA VAL A 179 34.03 11.90 9.88
C VAL A 179 34.74 10.76 10.64
N ALA A 180 34.62 10.76 11.97
CA ALA A 180 35.05 9.68 12.88
C ALA A 180 33.95 8.62 12.97
N THR A 181 33.42 8.20 11.81
CA THR A 181 32.33 7.19 11.65
C THR A 181 32.92 5.78 11.81
N HIS A 182 34.12 5.59 11.26
CA HIS A 182 34.92 4.33 11.28
C HIS A 182 35.54 4.12 12.67
N GLU A 183 35.77 5.22 13.41
CA GLU A 183 36.28 5.24 14.81
C GLU A 183 35.19 4.75 15.77
N ALA A 184 33.96 5.24 15.56
CA ALA A 184 32.72 4.83 16.27
C ALA A 184 32.43 3.36 15.96
N ALA A 185 32.44 2.97 14.67
CA ALA A 185 32.24 1.58 14.19
C ALA A 185 33.32 0.64 14.75
N GLY A 186 34.57 1.09 14.83
CA GLY A 186 35.73 0.31 15.32
C GLY A 186 35.63 -0.05 16.80
N ARG A 187 35.06 0.86 17.62
CA ARG A 187 34.89 0.72 19.11
C ARG A 187 33.56 0.02 19.44
N ALA A 188 32.66 -0.12 18.45
CA ALA A 188 31.25 -0.55 18.62
C ALA A 188 31.17 -2.04 18.95
N ASP A 189 30.35 -2.38 19.95
CA ASP A 189 29.79 -3.73 20.24
C ASP A 189 28.31 -3.76 19.81
N VAL A 190 27.66 -2.58 19.75
CA VAL A 190 26.31 -2.38 19.12
C VAL A 190 26.35 -1.06 18.31
N VAL A 191 25.79 -1.09 17.10
CA VAL A 191 25.58 0.10 16.20
C VAL A 191 24.09 0.27 15.96
N ILE A 192 23.60 1.50 16.02
CA ILE A 192 22.14 1.86 16.02
C ILE A 192 21.90 2.98 15.00
N ASN A 193 21.38 2.60 13.81
CA ASN A 193 20.98 3.57 12.76
C ASN A 193 19.70 4.28 13.20
N ALA A 194 19.83 5.58 13.49
CA ALA A 194 18.72 6.53 13.74
C ALA A 194 18.91 7.79 12.87
N LEU A 195 19.52 7.63 11.69
CA LEU A 195 19.84 8.73 10.72
C LEU A 195 18.65 8.94 9.78
N PRO A 196 18.27 10.21 9.49
CA PRO A 196 17.27 10.50 8.45
C PRO A 196 17.92 10.39 7.05
N LEU A 197 17.15 9.96 6.05
CA LEU A 197 17.67 9.70 4.67
C LEU A 197 17.95 11.03 3.97
N THR A 198 19.23 11.38 3.83
CA THR A 198 19.76 12.56 3.10
C THR A 198 20.79 12.09 2.08
N PRO A 199 21.14 12.90 1.05
CA PRO A 199 22.17 12.50 0.07
C PRO A 199 23.41 11.87 0.72
N ASP A 200 23.96 12.53 1.75
CA ASP A 200 25.14 12.09 2.57
C ASP A 200 24.84 10.70 3.17
N THR A 201 23.71 10.57 3.86
CA THR A 201 23.33 9.36 4.64
C THR A 201 22.86 8.23 3.72
N LYS A 202 22.61 8.52 2.44
CA LYS A 202 22.24 7.51 1.40
C LYS A 202 23.41 6.56 1.16
N HIS A 203 23.27 5.30 1.60
CA HIS A 203 24.32 4.25 1.63
C HIS A 203 25.51 4.71 2.50
N PHE A 204 25.21 5.07 3.76
CA PHE A 204 26.19 5.51 4.80
C PHE A 204 26.73 4.27 5.52
N TYR A 205 25.87 3.27 5.70
CA TYR A 205 26.21 1.90 6.18
C TYR A 205 26.40 1.01 4.97
N ASP A 206 27.37 1.40 4.13
CA ASP A 206 27.80 0.69 2.92
C ASP A 206 28.89 -0.31 3.33
N GLU A 207 29.51 -0.92 2.32
CA GLU A 207 30.68 -1.83 2.43
C GLU A 207 31.69 -1.28 3.46
N ALA A 208 32.20 -0.05 3.23
CA ALA A 208 33.37 0.57 3.93
C ALA A 208 33.17 0.64 5.45
N PHE A 209 31.98 1.06 5.88
CA PHE A 209 31.55 1.26 7.30
C PHE A 209 31.85 0.01 8.14
N PHE A 210 31.41 -1.16 7.66
CA PHE A 210 31.41 -2.48 8.36
C PHE A 210 32.84 -3.02 8.52
N ALA A 211 33.83 -2.43 7.84
CA ALA A 211 35.26 -2.84 7.87
C ALA A 211 35.96 -2.28 9.11
N ALA A 212 35.79 -0.97 9.35
CA ALA A 212 36.20 -0.28 10.59
C ALA A 212 35.64 -1.07 11.79
N ALA A 213 34.39 -1.54 11.69
CA ALA A 213 33.69 -2.37 12.69
C ALA A 213 34.38 -3.75 12.83
N SER A 214 35.42 -3.81 13.67
CA SER A 214 36.26 -5.01 13.95
C SER A 214 35.60 -5.95 14.97
N LYS A 215 35.00 -5.38 16.02
CA LYS A 215 34.33 -6.09 17.15
C LYS A 215 32.96 -6.62 16.72
N GLN A 216 32.80 -6.99 15.43
CA GLN A 216 31.63 -7.72 14.87
C GLN A 216 30.33 -7.23 15.51
N PRO A 217 30.03 -5.91 15.48
CA PRO A 217 28.92 -5.35 16.26
C PRO A 217 27.49 -5.69 15.77
N LEU A 218 26.57 -5.84 16.74
CA LEU A 218 25.11 -5.97 16.48
C LEU A 218 24.60 -4.63 15.92
N PHE A 219 24.34 -4.61 14.61
CA PHE A 219 23.84 -3.41 13.87
C PHE A 219 22.30 -3.39 13.96
N ILE A 220 21.75 -2.21 14.29
CA ILE A 220 20.26 -2.01 14.43
C ILE A 220 19.79 -0.93 13.44
N ASN A 221 18.89 -1.33 12.52
CA ASN A 221 18.28 -0.44 11.48
C ASN A 221 16.85 -0.08 11.91
N ILE A 222 16.71 1.07 12.60
CA ILE A 222 15.40 1.71 12.98
C ILE A 222 15.25 3.05 12.26
N GLY A 223 16.30 3.51 11.58
CA GLY A 223 16.32 4.74 10.76
C GLY A 223 15.62 4.55 9.43
N ARG A 224 16.41 4.44 8.34
CA ARG A 224 15.91 4.19 6.96
C ARG A 224 16.68 3.01 6.34
N GLY A 225 16.07 2.34 5.35
CA GLY A 225 16.70 1.27 4.57
C GLY A 225 17.74 1.80 3.59
N PRO A 226 17.38 2.72 2.66
CA PRO A 226 18.31 3.24 1.66
C PRO A 226 19.61 3.82 2.23
N SER A 227 19.57 4.22 3.52
CA SER A 227 20.75 4.67 4.31
C SER A 227 21.76 3.51 4.48
N VAL A 228 21.27 2.26 4.35
CA VAL A 228 22.08 0.99 4.34
C VAL A 228 22.20 0.47 2.90
N ASP A 229 23.40 0.05 2.52
CA ASP A 229 23.64 -0.80 1.32
C ASP A 229 23.45 -2.26 1.75
N MET A 230 22.48 -2.92 1.13
CA MET A 230 21.87 -4.18 1.60
C MET A 230 22.70 -5.37 1.14
N ALA A 231 23.37 -5.25 -0.02
CA ALA A 231 24.37 -6.21 -0.53
C ALA A 231 25.61 -6.19 0.39
N ALA A 232 25.98 -4.99 0.86
CA ALA A 232 27.13 -4.70 1.76
C ALA A 232 26.79 -5.03 3.23
N LEU A 233 25.51 -4.95 3.60
CA LEU A 233 24.98 -5.50 4.87
C LEU A 233 24.98 -7.04 4.78
N THR A 234 24.14 -7.61 3.90
CA THR A 234 23.97 -9.08 3.64
C THR A 234 25.33 -9.79 3.65
N GLN A 235 26.33 -9.22 2.97
CA GLN A 235 27.71 -9.76 2.88
C GLN A 235 28.39 -9.74 4.25
N ALA A 236 28.58 -8.55 4.85
CA ALA A 236 29.27 -8.29 6.14
C ALA A 236 28.78 -9.27 7.24
N LEU A 237 27.52 -9.73 7.13
CA LEU A 237 26.85 -10.76 8.00
C LEU A 237 27.49 -12.14 7.79
N LYS A 238 27.30 -12.71 6.60
CA LYS A 238 27.80 -14.05 6.21
C LYS A 238 29.26 -14.24 6.66
N ASN A 239 30.05 -13.17 6.81
CA ASN A 239 31.52 -13.27 7.07
C ASN A 239 31.87 -12.78 8.48
N LYS A 240 30.88 -12.67 9.37
CA LYS A 240 31.06 -12.27 10.79
C LYS A 240 31.91 -10.99 10.85
N GLN A 241 31.47 -9.96 10.12
CA GLN A 241 31.99 -8.57 10.21
C GLN A 241 31.05 -7.75 11.09
N ILE A 242 29.87 -8.32 11.36
CA ILE A 242 28.86 -7.88 12.36
C ILE A 242 28.15 -9.16 12.85
N SER A 243 28.16 -9.47 14.16
CA SER A 243 27.60 -10.71 14.78
C SER A 243 26.12 -10.94 14.41
N ALA A 244 25.30 -9.88 14.51
CA ALA A 244 23.89 -9.86 14.10
C ALA A 244 23.53 -8.44 13.62
N ALA A 245 22.27 -8.28 13.18
CA ALA A 245 21.63 -7.00 12.80
C ALA A 245 20.18 -6.98 13.29
N ALA A 246 19.53 -5.80 13.22
CA ALA A 246 18.09 -5.59 13.52
C ALA A 246 17.49 -4.58 12.53
N LEU A 247 16.75 -5.09 11.51
CA LEU A 247 16.32 -4.33 10.30
C LEU A 247 14.81 -4.08 10.30
N ASP A 248 14.38 -3.03 11.02
CA ASP A 248 12.97 -2.54 11.11
C ASP A 248 12.52 -2.01 9.74
N VAL A 249 13.47 -1.44 8.99
CA VAL A 249 13.31 -0.91 7.59
C VAL A 249 14.34 -1.64 6.70
N VAL A 250 14.25 -1.44 5.38
CA VAL A 250 15.11 -2.10 4.35
C VAL A 250 15.10 -1.24 3.07
N ASP A 251 15.91 -1.62 2.07
CA ASP A 251 15.99 -0.94 0.75
C ASP A 251 16.14 -2.00 -0.35
N PRO A 252 15.09 -2.21 -1.22
CA PRO A 252 13.81 -1.52 -1.12
C PRO A 252 12.93 -2.01 0.05
N GLU A 253 11.81 -1.32 0.31
CA GLU A 253 10.79 -1.75 1.29
C GLU A 253 9.47 -1.97 0.55
N PRO A 254 8.89 -3.19 0.58
CA PRO A 254 9.35 -4.26 1.47
C PRO A 254 10.63 -4.95 0.97
N LEU A 255 11.32 -5.66 1.88
CA LEU A 255 12.44 -6.61 1.52
C LEU A 255 11.80 -7.74 0.71
N PRO A 256 12.33 -8.08 -0.49
CA PRO A 256 11.70 -9.07 -1.36
C PRO A 256 11.89 -10.57 -1.04
N GLN A 257 11.03 -11.37 -1.69
CA GLN A 257 10.63 -12.77 -1.37
C GLN A 257 11.85 -13.70 -1.29
N ASP A 258 12.93 -13.39 -2.01
CA ASP A 258 14.16 -14.23 -2.14
C ASP A 258 15.09 -14.03 -0.94
N SER A 259 15.15 -12.80 -0.42
CA SER A 259 16.35 -12.22 0.27
C SER A 259 17.03 -13.29 1.13
N PRO A 260 18.38 -13.42 1.07
CA PRO A 260 19.08 -14.41 1.88
C PRO A 260 18.89 -14.15 3.39
N LEU A 261 18.58 -12.89 3.74
CA LEU A 261 18.12 -12.44 5.10
C LEU A 261 16.96 -13.31 5.62
N TRP A 262 16.13 -13.83 4.70
CA TRP A 262 15.08 -14.88 4.94
C TRP A 262 15.63 -16.09 5.70
N GLY A 263 16.54 -16.85 5.06
CA GLY A 263 17.05 -18.16 5.50
C GLY A 263 18.35 -18.03 6.26
N MET A 264 18.76 -16.79 6.51
CA MET A 264 19.85 -16.45 7.48
C MET A 264 19.40 -16.89 8.88
N THR A 265 20.31 -16.83 9.89
CA THR A 265 20.05 -17.23 11.30
C THR A 265 20.73 -16.26 12.29
N ASN A 266 20.77 -14.96 11.98
CA ASN A 266 21.07 -13.87 12.96
C ASN A 266 20.61 -12.51 12.40
N VAL A 267 19.45 -12.47 11.70
CA VAL A 267 18.84 -11.24 11.12
C VAL A 267 17.38 -11.12 11.56
N LEU A 268 17.04 -10.08 12.33
CA LEU A 268 15.65 -9.81 12.82
C LEU A 268 14.99 -8.78 11.89
N LEU A 269 13.81 -9.14 11.35
CA LEU A 269 13.09 -8.46 10.23
C LEU A 269 11.63 -8.15 10.60
N THR A 270 11.39 -6.96 11.16
CA THR A 270 10.05 -6.44 11.56
C THR A 270 9.61 -5.40 10.54
N PRO A 271 8.30 -5.35 10.19
CA PRO A 271 7.83 -4.62 9.02
C PRO A 271 7.51 -3.12 9.24
N HIS A 272 8.51 -2.32 9.64
CA HIS A 272 8.31 -0.90 10.05
C HIS A 272 7.23 -0.88 11.15
N ILE A 273 7.61 -1.28 12.37
CA ILE A 273 6.73 -1.31 13.58
C ILE A 273 7.40 -0.64 14.78
N SER A 274 8.71 -0.32 14.71
CA SER A 274 9.50 0.28 15.81
C SER A 274 8.95 1.68 16.14
N GLY A 275 8.51 2.43 15.12
CA GLY A 275 7.90 3.77 15.26
C GLY A 275 6.39 3.68 15.43
N THR A 276 5.91 2.74 16.24
CA THR A 276 4.46 2.54 16.61
C THR A 276 4.13 3.35 17.88
N VAL A 277 2.91 3.90 17.94
CA VAL A 277 2.36 4.68 19.11
C VAL A 277 0.90 4.26 19.36
N PRO A 278 0.58 3.69 20.54
CA PRO A 278 -0.82 3.44 20.94
C PRO A 278 -1.63 4.73 21.11
N GLN A 279 -2.62 4.94 20.24
CA GLN A 279 -3.42 6.20 20.10
C GLN A 279 -2.58 7.22 19.32
N LEU A 280 -2.22 6.90 18.06
CA LEU A 280 -1.42 7.76 17.15
C LEU A 280 -2.23 9.00 16.74
N ARG A 281 -3.41 8.79 16.13
CA ARG A 281 -4.33 9.84 15.59
C ARG A 281 -4.40 11.06 16.54
N ASP A 282 -4.51 10.80 17.84
CA ASP A 282 -4.39 11.82 18.94
C ASP A 282 -3.02 12.51 18.84
N LYS A 283 -1.94 11.75 19.08
CA LYS A 283 -0.56 12.26 19.31
C LYS A 283 0.03 12.89 18.03
N VAL A 284 -0.68 12.84 16.90
CA VAL A 284 -0.33 13.63 15.67
C VAL A 284 -1.28 14.82 15.54
N PHE A 285 -2.59 14.62 15.75
CA PHE A 285 -3.61 15.71 15.70
C PHE A 285 -3.24 16.80 16.71
N LYS A 286 -2.68 16.40 17.87
CA LYS A 286 -2.13 17.31 18.92
C LYS A 286 -1.07 18.23 18.30
N ILE A 287 -0.02 17.65 17.72
CA ILE A 287 1.08 18.40 17.03
C ILE A 287 0.46 19.18 15.86
N PHE A 288 -0.31 18.49 14.99
CA PHE A 288 -1.07 19.10 13.86
C PHE A 288 -1.84 20.33 14.35
N ASN A 289 -2.61 20.14 15.43
CA ASN A 289 -3.72 21.03 15.87
C ASN A 289 -3.15 22.14 16.79
N ASP A 290 -1.90 22.00 17.25
CA ASP A 290 -1.11 23.09 17.88
C ASP A 290 -0.49 23.99 16.79
N ASN A 291 -0.17 23.41 15.63
CA ASN A 291 0.56 24.09 14.52
C ASN A 291 -0.43 24.75 13.55
N LEU A 292 -1.72 24.44 13.64
CA LEU A 292 -2.79 24.97 12.77
C LEU A 292 -3.17 26.39 13.23
N LYS A 293 -3.10 26.67 14.54
CA LYS A 293 -3.64 27.94 15.13
C LYS A 293 -2.52 28.96 15.32
N THR A 294 -1.31 28.49 15.63
CA THR A 294 -0.05 29.31 15.70
C THR A 294 0.22 29.94 14.33
N LEU A 295 0.07 29.16 13.26
CA LEU A 295 0.14 29.61 11.84
C LEU A 295 -0.90 30.73 11.62
N ILE A 296 -2.16 30.51 12.02
CA ILE A 296 -3.30 31.48 11.79
C ILE A 296 -2.99 32.80 12.50
N SER A 297 -2.40 32.74 13.70
CA SER A 297 -2.13 33.89 14.60
C SER A 297 -0.87 34.60 14.10
N SER A 298 0.22 33.85 13.93
CA SER A 298 1.60 34.36 13.68
C SER A 298 1.98 34.07 12.22
N GLY A 299 1.91 32.79 11.81
CA GLY A 299 2.32 32.33 10.47
C GLY A 299 3.48 31.34 10.53
N GLN A 300 3.75 30.76 11.71
CA GLN A 300 4.84 29.80 11.99
C GLN A 300 4.22 28.53 12.58
N LEU A 301 5.09 27.58 13.00
CA LEU A 301 4.69 26.31 13.65
C LEU A 301 5.05 26.33 15.14
N ALA A 302 4.12 25.88 16.01
CA ALA A 302 4.26 25.82 17.48
C ALA A 302 5.42 24.89 17.87
N SER A 303 5.54 23.74 17.18
CA SER A 303 6.56 22.70 17.47
C SER A 303 6.86 21.87 16.23
N HIS A 304 7.95 21.10 16.29
CA HIS A 304 8.34 19.99 15.35
C HIS A 304 8.59 20.53 13.94
N GLN A 305 9.09 21.76 13.79
CA GLN A 305 9.30 22.41 12.45
C GLN A 305 10.49 21.76 11.73
N VAL A 306 10.21 21.18 10.55
CA VAL A 306 11.17 20.44 9.69
C VAL A 306 12.06 21.45 8.94
N ASP A 307 13.38 21.22 8.98
CA ASP A 307 14.39 21.87 8.11
C ASP A 307 14.40 21.14 6.75
N LEU A 308 13.72 21.71 5.76
CA LEU A 308 13.37 21.03 4.47
C LEU A 308 14.64 20.62 3.72
N THR A 309 15.78 21.22 4.06
CA THR A 309 17.11 21.02 3.41
C THR A 309 17.80 19.81 4.04
N ARG A 310 17.73 19.71 5.38
CA ARG A 310 18.36 18.62 6.17
C ARG A 310 17.40 17.42 6.26
N GLY A 311 16.11 17.63 5.94
CA GLY A 311 15.06 16.59 5.95
C GLY A 311 14.22 16.65 7.22
N MET B 1 -9.72 -21.52 16.98
CA MET B 1 -8.57 -22.38 16.58
C MET B 1 -8.96 -23.24 15.37
N MET B 2 -8.31 -23.03 14.22
CA MET B 2 -8.76 -23.54 12.90
C MET B 2 -7.75 -24.45 12.21
N LYS B 3 -8.22 -25.03 11.09
CA LYS B 3 -7.41 -25.68 10.03
C LYS B 3 -7.60 -24.87 8.74
N ILE B 4 -6.69 -23.92 8.49
CA ILE B 4 -6.72 -22.96 7.35
C ILE B 4 -5.86 -23.54 6.21
N LEU B 5 -6.47 -23.76 5.03
CA LEU B 5 -5.76 -24.19 3.80
C LEU B 5 -5.14 -22.96 3.13
N ASN B 6 -3.82 -22.81 3.33
CA ASN B 6 -2.99 -21.76 2.68
C ASN B 6 -2.87 -22.10 1.20
N SER B 7 -3.65 -21.41 0.37
CA SER B 7 -3.63 -21.47 -1.11
C SER B 7 -3.06 -20.16 -1.67
N PHE B 8 -2.52 -19.31 -0.78
CA PHE B 8 -1.88 -18.01 -1.08
C PHE B 8 -0.69 -17.81 -0.12
N SER B 9 0.23 -18.79 -0.06
CA SER B 9 1.67 -18.77 0.42
C SER B 9 1.97 -17.82 1.60
N LEU B 10 1.17 -17.86 2.69
CA LEU B 10 1.30 -16.96 3.87
C LEU B 10 2.77 -16.77 4.25
N LYS B 11 3.12 -15.56 4.69
CA LYS B 11 4.47 -15.19 5.21
C LYS B 11 4.73 -15.94 6.51
N PRO B 12 6.01 -16.18 6.90
CA PRO B 12 6.33 -16.76 8.20
C PRO B 12 5.95 -15.86 9.40
N GLU B 13 5.63 -14.59 9.15
CA GLU B 13 5.10 -13.63 10.16
C GLU B 13 3.57 -13.77 10.22
N GLN B 14 2.89 -13.82 9.06
CA GLN B 14 1.41 -13.95 8.91
C GLN B 14 0.99 -15.33 9.42
N ARG B 15 1.67 -16.38 8.93
CA ARG B 15 1.66 -17.77 9.48
C ARG B 15 1.84 -17.72 10.99
N GLN B 16 3.00 -17.21 11.43
CA GLN B 16 3.41 -17.00 12.85
C GLN B 16 2.33 -16.17 13.60
N THR B 17 1.63 -15.27 12.91
CA THR B 17 0.49 -14.50 13.47
C THR B 17 -0.70 -15.43 13.72
N LEU B 18 -1.00 -16.31 12.75
CA LEU B 18 -2.10 -17.30 12.85
C LEU B 18 -1.78 -18.37 13.92
N GLU B 19 -0.56 -18.94 13.89
CA GLU B 19 -0.12 -20.12 14.73
C GLU B 19 0.02 -19.74 16.23
N ALA B 20 0.01 -18.44 16.53
CA ALA B 20 -0.05 -17.86 17.89
C ALA B 20 -1.51 -17.59 18.30
N ALA B 21 -2.32 -17.09 17.35
CA ALA B 21 -3.78 -16.90 17.48
C ALA B 21 -4.51 -18.25 17.37
N GLY B 22 -3.77 -19.31 17.02
CA GLY B 22 -4.13 -20.72 17.30
C GLY B 22 -4.81 -21.41 16.13
N HIS B 23 -4.36 -21.22 14.88
CA HIS B 23 -4.96 -21.82 13.66
C HIS B 23 -3.88 -22.54 12.84
N THR B 24 -4.02 -23.86 12.62
CA THR B 24 -3.04 -24.72 11.89
C THR B 24 -3.00 -24.32 10.40
N VAL B 25 -1.84 -23.84 9.92
CA VAL B 25 -1.61 -23.38 8.53
C VAL B 25 -1.01 -24.53 7.71
N ILE B 26 -1.73 -24.98 6.67
CA ILE B 26 -1.31 -26.06 5.72
C ILE B 26 -1.05 -25.44 4.35
N ASP B 27 0.20 -25.51 3.88
CA ASP B 27 0.60 -25.14 2.48
C ASP B 27 -0.07 -26.14 1.52
N ALA B 28 -0.58 -25.64 0.39
CA ALA B 28 -1.37 -26.41 -0.61
C ALA B 28 -0.64 -27.71 -0.97
N ASP B 29 0.69 -27.65 -1.12
CA ASP B 29 1.56 -28.78 -1.59
C ASP B 29 1.73 -29.83 -0.47
N LYS B 30 1.42 -29.49 0.79
CA LYS B 30 1.53 -30.38 1.98
C LYS B 30 0.17 -30.99 2.35
N LEU B 31 -0.88 -30.67 1.57
CA LEU B 31 -2.26 -31.22 1.73
C LEU B 31 -2.28 -32.67 1.24
N ASP B 32 -2.62 -33.62 2.13
CA ASP B 32 -2.90 -35.05 1.83
C ASP B 32 -4.41 -35.28 1.86
N ASP B 33 -4.84 -36.49 1.45
CA ASP B 33 -6.28 -36.85 1.24
C ASP B 33 -7.03 -36.74 2.58
N ALA B 34 -6.42 -37.23 3.66
CA ALA B 34 -6.98 -37.26 5.05
C ALA B 34 -7.20 -35.83 5.57
N THR B 35 -6.17 -34.97 5.47
CA THR B 35 -6.18 -33.57 5.97
C THR B 35 -7.15 -32.72 5.14
N ALA B 36 -7.20 -32.94 3.81
CA ALA B 36 -8.05 -32.23 2.82
C ALA B 36 -9.55 -32.29 3.21
N GLN B 37 -9.96 -33.36 3.91
CA GLN B 37 -11.35 -33.56 4.42
C GLN B 37 -11.57 -32.68 5.67
N GLN B 38 -10.49 -32.34 6.38
CA GLN B 38 -10.49 -31.63 7.69
C GLN B 38 -10.18 -30.14 7.50
N ILE B 39 -10.24 -29.64 6.26
CA ILE B 39 -10.04 -28.20 5.94
C ILE B 39 -11.29 -27.44 6.40
N ASP B 40 -11.05 -26.32 7.09
CA ASP B 40 -12.09 -25.46 7.74
C ASP B 40 -12.19 -24.14 6.94
N VAL B 41 -11.04 -23.49 6.73
CA VAL B 41 -10.90 -22.17 6.03
C VAL B 41 -9.99 -22.35 4.81
N VAL B 42 -10.23 -21.58 3.74
CA VAL B 42 -9.38 -21.52 2.51
C VAL B 42 -9.02 -20.07 2.18
N TYR B 43 -7.78 -19.66 2.52
CA TYR B 43 -7.18 -18.34 2.20
C TYR B 43 -6.68 -18.36 0.76
N GLY B 44 -7.53 -17.92 -0.17
CA GLY B 44 -7.29 -17.98 -1.63
C GLY B 44 -8.01 -19.15 -2.26
N TRP B 45 -7.57 -19.60 -3.44
CA TRP B 45 -8.14 -20.76 -4.17
C TRP B 45 -7.15 -21.24 -5.24
N ASN B 46 -7.02 -22.56 -5.38
CA ASN B 46 -6.20 -23.25 -6.41
C ASN B 46 -6.75 -24.68 -6.59
N ALA B 47 -5.89 -25.63 -6.97
CA ALA B 47 -6.23 -27.06 -7.22
C ALA B 47 -6.30 -27.85 -5.91
N ALA B 48 -5.77 -27.29 -4.82
CA ALA B 48 -5.79 -27.88 -3.45
C ALA B 48 -7.01 -27.37 -2.67
N ALA B 49 -7.78 -26.43 -3.25
CA ALA B 49 -9.00 -25.84 -2.65
C ALA B 49 -10.28 -26.50 -3.22
N THR B 50 -10.14 -27.33 -4.27
CA THR B 50 -11.25 -28.11 -4.88
C THR B 50 -11.43 -29.43 -4.12
N ARG B 51 -10.34 -29.97 -3.56
CA ARG B 51 -10.28 -31.31 -2.89
C ARG B 51 -10.90 -31.23 -1.47
N VAL B 52 -11.06 -30.02 -0.93
CA VAL B 52 -11.44 -29.78 0.50
C VAL B 52 -12.86 -30.31 0.75
N ASN B 53 -13.15 -30.74 1.98
CA ASN B 53 -14.52 -31.15 2.43
C ASN B 53 -15.41 -29.89 2.57
N PHE B 54 -16.28 -29.68 1.58
CA PHE B 54 -17.31 -28.60 1.53
C PHE B 54 -18.31 -28.74 2.69
N ASP B 55 -18.69 -29.97 3.07
CA ASP B 55 -19.65 -30.24 4.20
C ASP B 55 -19.13 -29.64 5.51
N ARG B 56 -17.80 -29.54 5.62
CA ARG B 56 -17.05 -29.04 6.81
C ARG B 56 -16.61 -27.61 6.57
N LEU B 57 -16.08 -27.33 5.38
CA LEU B 57 -15.69 -25.99 4.87
C LEU B 57 -16.76 -24.97 5.30
N GLN B 58 -16.31 -23.80 5.77
CA GLN B 58 -17.14 -22.80 6.48
C GLN B 58 -16.94 -21.43 5.83
N PHE B 59 -15.68 -21.02 5.66
CA PHE B 59 -15.28 -19.72 5.06
C PHE B 59 -14.19 -19.91 4.00
N VAL B 60 -14.28 -19.11 2.92
CA VAL B 60 -13.28 -19.02 1.80
C VAL B 60 -12.98 -17.53 1.55
N GLN B 61 -11.69 -17.17 1.56
CA GLN B 61 -11.22 -15.79 1.22
C GLN B 61 -10.59 -15.79 -0.16
N ALA B 62 -11.36 -15.37 -1.18
CA ALA B 62 -10.88 -15.12 -2.56
C ALA B 62 -9.80 -14.04 -2.53
N MET B 63 -8.88 -14.08 -3.50
CA MET B 63 -7.71 -13.16 -3.59
C MET B 63 -8.02 -12.00 -4.56
N SER B 64 -9.16 -12.06 -5.24
CA SER B 64 -9.63 -11.07 -6.26
C SER B 64 -11.00 -10.48 -5.87
N ALA B 65 -11.49 -9.49 -6.64
CA ALA B 65 -12.79 -8.79 -6.45
C ALA B 65 -13.93 -9.65 -7.02
N GLY B 66 -13.69 -10.35 -8.13
CA GLY B 66 -14.61 -11.35 -8.69
C GLY B 66 -14.69 -12.61 -7.83
N VAL B 67 -15.62 -13.50 -8.18
CA VAL B 67 -15.76 -14.86 -7.57
C VAL B 67 -16.37 -15.81 -8.63
N ASP B 68 -16.01 -15.58 -9.91
CA ASP B 68 -16.63 -16.20 -11.11
C ASP B 68 -15.79 -17.42 -11.54
N TYR B 69 -14.72 -17.73 -10.80
CA TYR B 69 -13.83 -18.91 -10.99
C TYR B 69 -14.07 -19.97 -9.89
N LEU B 70 -14.81 -19.59 -8.83
CA LEU B 70 -15.11 -20.44 -7.64
C LEU B 70 -16.33 -21.34 -7.93
N PRO B 71 -16.51 -22.45 -7.17
CA PRO B 71 -17.76 -23.21 -7.21
C PRO B 71 -18.81 -22.58 -6.29
N LEU B 72 -19.42 -21.47 -6.74
CA LEU B 72 -20.41 -20.66 -5.96
C LEU B 72 -21.59 -21.54 -5.55
N ALA B 73 -22.19 -22.23 -6.53
CA ALA B 73 -23.37 -23.14 -6.40
C ALA B 73 -23.08 -24.26 -5.39
N GLU B 74 -21.84 -24.77 -5.37
CA GLU B 74 -21.33 -25.73 -4.34
C GLU B 74 -21.33 -25.04 -2.97
N LEU B 75 -20.73 -23.84 -2.88
CA LEU B 75 -20.53 -23.04 -1.63
C LEU B 75 -21.86 -22.57 -1.02
N ALA B 76 -22.85 -22.26 -1.87
CA ALA B 76 -24.19 -21.72 -1.52
C ALA B 76 -25.14 -22.85 -1.05
N LYS B 77 -24.86 -24.09 -1.48
CA LYS B 77 -25.59 -25.33 -1.10
C LYS B 77 -25.07 -25.82 0.26
N HIS B 78 -23.75 -25.69 0.49
CA HIS B 78 -23.06 -26.00 1.77
C HIS B 78 -23.04 -24.75 2.67
N HIS B 79 -23.54 -23.61 2.14
CA HIS B 79 -23.67 -22.30 2.84
C HIS B 79 -22.31 -21.87 3.41
N VAL B 80 -21.25 -22.01 2.61
CA VAL B 80 -19.85 -21.59 2.96
C VAL B 80 -19.75 -20.08 2.73
N LEU B 81 -19.30 -19.34 3.75
CA LEU B 81 -19.12 -17.85 3.71
C LEU B 81 -17.95 -17.50 2.79
N LEU B 82 -18.17 -16.55 1.89
CA LEU B 82 -17.17 -16.09 0.89
C LEU B 82 -16.91 -14.60 1.12
N ALA B 83 -15.64 -14.23 1.32
CA ALA B 83 -15.15 -12.83 1.31
C ALA B 83 -14.21 -12.66 0.11
N ASN B 84 -14.51 -11.67 -0.74
CA ASN B 84 -13.63 -11.20 -1.84
C ASN B 84 -12.76 -10.07 -1.28
N THR B 85 -12.08 -9.33 -2.16
CA THR B 85 -11.22 -8.16 -1.80
C THR B 85 -11.77 -6.89 -2.47
N SER B 86 -13.09 -6.82 -2.67
CA SER B 86 -13.81 -5.73 -3.41
C SER B 86 -13.65 -4.39 -2.67
N GLY B 87 -13.19 -3.36 -3.38
CA GLY B 87 -13.04 -2.00 -2.85
C GLY B 87 -11.58 -1.60 -2.71
N ILE B 88 -10.70 -2.59 -2.47
CA ILE B 88 -9.22 -2.38 -2.40
C ILE B 88 -8.70 -2.36 -3.84
N HIS B 89 -9.44 -2.97 -4.78
CA HIS B 89 -9.13 -3.04 -6.24
C HIS B 89 -9.67 -1.79 -6.97
N ALA B 90 -10.46 -0.96 -6.29
CA ALA B 90 -11.15 0.21 -6.88
C ALA B 90 -10.15 1.31 -7.31
N GLU B 91 -9.13 1.64 -6.48
CA GLU B 91 -8.25 2.85 -6.63
C GLU B 91 -7.30 2.69 -7.82
N PRO B 92 -6.53 1.58 -7.94
CA PRO B 92 -5.72 1.34 -9.15
C PRO B 92 -6.53 1.23 -10.45
N ILE B 93 -7.69 0.54 -10.42
CA ILE B 93 -8.61 0.36 -11.60
C ILE B 93 -9.12 1.73 -12.06
N ALA B 94 -9.37 2.65 -11.13
CA ALA B 94 -9.83 4.05 -11.39
C ALA B 94 -8.67 4.95 -11.82
N GLU B 95 -7.42 4.53 -11.57
CA GLU B 95 -6.18 5.14 -12.12
C GLU B 95 -5.90 4.57 -13.51
N TYR B 96 -6.24 3.29 -13.75
CA TYR B 96 -6.05 2.55 -15.03
C TYR B 96 -7.05 3.04 -16.11
N VAL B 97 -8.31 3.26 -15.70
CA VAL B 97 -9.42 3.77 -16.58
C VAL B 97 -9.06 5.19 -17.05
N LEU B 98 -8.59 6.06 -16.13
CA LEU B 98 -8.09 7.44 -16.44
C LEU B 98 -6.86 7.34 -17.34
N GLY B 99 -5.95 6.40 -17.06
CA GLY B 99 -4.76 6.09 -17.89
C GLY B 99 -5.15 5.57 -19.26
N ALA B 100 -6.30 4.89 -19.37
CA ALA B 100 -6.90 4.33 -20.61
C ALA B 100 -7.93 5.30 -21.22
N LEU B 101 -8.03 6.53 -20.67
CA LEU B 101 -8.82 7.67 -21.22
C LEU B 101 -7.88 8.66 -21.95
N PHE B 102 -6.80 9.09 -21.26
CA PHE B 102 -5.77 10.03 -21.77
C PHE B 102 -4.99 9.40 -22.93
N THR B 103 -4.51 8.15 -22.76
CA THR B 103 -3.70 7.38 -23.76
C THR B 103 -4.39 7.46 -25.13
N ILE B 104 -5.72 7.31 -25.17
CA ILE B 104 -6.56 7.29 -26.41
C ILE B 104 -6.95 8.74 -26.81
N SER B 105 -7.45 9.53 -25.85
CA SER B 105 -8.10 10.85 -26.10
C SER B 105 -7.08 11.94 -26.50
N ARG B 106 -5.79 11.77 -26.15
CA ARG B 106 -4.72 12.82 -26.29
C ARG B 106 -3.60 12.41 -27.27
N GLY B 107 -3.82 11.33 -28.04
CA GLY B 107 -2.88 10.84 -29.07
C GLY B 107 -1.59 10.28 -28.47
N ILE B 108 -1.60 9.95 -27.18
CA ILE B 108 -0.50 9.23 -26.48
C ILE B 108 -0.41 7.82 -27.09
N LEU B 109 -1.55 7.20 -27.41
CA LEU B 109 -1.62 5.88 -28.11
C LEU B 109 -0.97 6.05 -29.47
N PRO B 110 -1.62 6.68 -30.50
CA PRO B 110 -1.04 6.76 -31.85
C PRO B 110 0.38 7.38 -31.92
N ALA B 111 0.94 7.82 -30.78
CA ALA B 111 2.39 8.14 -30.57
C ALA B 111 3.20 6.88 -30.21
N ILE B 112 3.04 6.33 -29.00
CA ILE B 112 4.01 5.41 -28.31
C ILE B 112 4.47 4.24 -29.20
N ARG B 113 3.64 3.73 -30.09
CA ARG B 113 4.03 2.65 -31.06
C ARG B 113 4.71 3.28 -32.27
N ALA B 114 4.15 4.40 -32.75
CA ALA B 114 4.63 5.13 -33.95
C ALA B 114 6.17 5.15 -33.92
N ASP B 115 6.80 5.03 -35.09
CA ASP B 115 8.25 4.80 -35.28
C ASP B 115 9.08 5.67 -34.33
N ARG B 116 10.23 5.15 -33.92
CA ARG B 116 11.25 5.88 -33.13
C ARG B 116 12.08 6.73 -34.09
N ASP B 117 11.99 6.41 -35.38
CA ASP B 117 12.48 7.23 -36.52
C ASP B 117 11.26 7.72 -37.31
N MET B 118 10.43 8.57 -36.69
CA MET B 118 9.28 9.32 -37.30
C MET B 118 8.89 10.51 -36.43
N TRP B 119 9.83 11.41 -36.16
CA TRP B 119 9.65 12.54 -35.22
C TRP B 119 8.80 13.64 -35.87
N THR B 120 8.78 13.70 -37.20
CA THR B 120 8.04 14.72 -37.99
C THR B 120 6.53 14.54 -37.80
N LEU B 121 5.88 15.55 -37.22
CA LEU B 121 4.39 15.65 -37.08
C LEU B 121 3.79 16.24 -38.37
N ARG B 122 4.34 15.91 -39.54
CA ARG B 122 3.83 16.42 -40.84
C ARG B 122 2.47 15.76 -41.12
N GLN B 123 2.37 14.46 -40.84
CA GLN B 123 1.14 13.63 -40.95
C GLN B 123 0.00 14.25 -40.13
N GLU B 124 -1.22 14.28 -40.69
CA GLU B 124 -2.49 14.64 -39.96
C GLU B 124 -2.40 14.15 -38.52
N ARG B 125 -2.67 15.00 -37.53
CA ARG B 125 -2.63 14.59 -36.10
C ARG B 125 -3.89 13.78 -35.80
N PRO B 126 -3.79 12.75 -34.93
CA PRO B 126 -4.92 11.86 -34.66
C PRO B 126 -5.99 12.60 -33.86
N PRO B 127 -7.26 12.63 -34.37
CA PRO B 127 -8.26 13.57 -33.86
C PRO B 127 -8.45 13.45 -32.33
N MET B 128 -7.71 14.28 -31.57
CA MET B 128 -7.69 14.26 -30.09
C MET B 128 -9.00 14.85 -29.56
N THR B 129 -9.44 14.36 -28.39
CA THR B 129 -10.72 14.72 -27.72
C THR B 129 -10.42 15.13 -26.27
N LEU B 130 -10.89 16.32 -25.88
CA LEU B 130 -10.86 16.84 -24.48
C LEU B 130 -11.99 16.18 -23.69
N LEU B 131 -11.73 15.76 -22.45
CA LEU B 131 -12.66 14.94 -21.62
C LEU B 131 -13.72 15.82 -20.96
N LYS B 132 -13.40 17.07 -20.59
CA LYS B 132 -14.35 18.03 -19.94
C LYS B 132 -15.47 18.43 -20.91
N GLY B 133 -16.73 18.10 -20.58
CA GLY B 133 -17.93 18.31 -21.42
C GLY B 133 -18.40 17.03 -22.11
N LYS B 134 -17.85 15.87 -21.72
CA LYS B 134 -18.17 14.53 -22.28
C LYS B 134 -18.82 13.65 -21.22
N THR B 135 -19.72 12.76 -21.66
CA THR B 135 -20.54 11.84 -20.81
C THR B 135 -19.83 10.47 -20.70
N ALA B 136 -19.31 10.14 -19.50
CA ALA B 136 -18.64 8.86 -19.19
C ALA B 136 -19.63 7.92 -18.50
N VAL B 137 -20.29 7.06 -19.28
CA VAL B 137 -21.29 6.06 -18.81
C VAL B 137 -20.53 4.90 -18.14
N ILE B 138 -21.00 4.49 -16.96
CA ILE B 138 -20.34 3.47 -16.09
C ILE B 138 -21.38 2.42 -15.64
N PHE B 139 -21.33 1.23 -16.25
CA PHE B 139 -22.17 0.05 -15.89
C PHE B 139 -21.57 -0.64 -14.66
N GLY B 140 -22.39 -0.84 -13.63
CA GLY B 140 -21.97 -1.18 -12.25
C GLY B 140 -21.77 0.07 -11.43
N THR B 141 -22.51 0.22 -10.33
CA THR B 141 -22.40 1.37 -9.38
C THR B 141 -21.91 0.85 -8.01
N GLY B 142 -21.01 -0.14 -8.04
CA GLY B 142 -20.26 -0.67 -6.88
C GLY B 142 -19.03 0.19 -6.59
N HIS B 143 -18.24 -0.18 -5.57
CA HIS B 143 -17.10 0.63 -5.05
C HIS B 143 -16.20 1.05 -6.23
N ILE B 144 -15.93 0.12 -7.16
CA ILE B 144 -15.09 0.35 -8.37
C ILE B 144 -15.75 1.44 -9.25
N GLY B 145 -17.05 1.33 -9.50
CA GLY B 145 -17.81 2.25 -10.36
C GLY B 145 -17.89 3.66 -9.80
N SER B 146 -18.14 3.79 -8.49
CA SER B 146 -18.29 5.06 -7.73
C SER B 146 -16.96 5.85 -7.74
N THR B 147 -15.84 5.15 -7.55
CA THR B 147 -14.45 5.71 -7.44
C THR B 147 -14.05 6.35 -8.78
N ILE B 148 -14.26 5.62 -9.91
CA ILE B 148 -14.00 6.11 -11.30
C ILE B 148 -14.89 7.34 -11.59
N ALA B 149 -16.14 7.33 -11.09
CA ALA B 149 -17.20 8.35 -11.33
C ALA B 149 -16.84 9.67 -10.64
N THR B 150 -16.29 9.59 -9.43
CA THR B 150 -15.68 10.71 -8.66
C THR B 150 -14.54 11.36 -9.47
N LYS B 151 -13.55 10.55 -9.88
CA LYS B 151 -12.28 10.95 -10.58
C LYS B 151 -12.52 11.49 -11.99
N LEU B 152 -13.74 11.28 -12.54
CA LEU B 152 -14.19 11.81 -13.85
C LEU B 152 -15.06 13.07 -13.64
N GLN B 153 -15.79 13.16 -12.53
CA GLN B 153 -16.57 14.37 -12.14
C GLN B 153 -15.61 15.54 -11.91
N ALA B 154 -14.46 15.25 -11.27
CA ALA B 154 -13.32 16.18 -11.05
C ALA B 154 -12.87 16.77 -12.40
N LEU B 155 -12.45 15.90 -13.34
CA LEU B 155 -11.93 16.23 -14.70
C LEU B 155 -13.04 16.87 -15.56
N GLY B 156 -14.28 16.93 -15.05
CA GLY B 156 -15.39 17.77 -15.55
C GLY B 156 -16.35 17.00 -16.46
N LEU B 157 -16.46 15.67 -16.27
CA LEU B 157 -17.31 14.76 -17.08
C LEU B 157 -18.71 14.63 -16.44
N HIS B 158 -19.76 14.50 -17.29
CA HIS B 158 -21.17 14.17 -16.88
C HIS B 158 -21.31 12.66 -16.72
N THR B 159 -21.14 12.13 -15.50
CA THR B 159 -21.15 10.68 -15.19
C THR B 159 -22.61 10.18 -15.18
N ILE B 160 -22.83 8.93 -15.63
CA ILE B 160 -24.14 8.23 -15.64
C ILE B 160 -23.91 6.77 -15.22
N GLY B 161 -24.29 6.43 -13.97
CA GLY B 161 -24.21 5.05 -13.43
C GLY B 161 -25.29 4.17 -14.02
N VAL B 162 -24.96 2.90 -14.31
CA VAL B 162 -25.94 1.88 -14.81
C VAL B 162 -25.79 0.61 -13.95
N SER B 163 -26.53 0.56 -12.84
CA SER B 163 -26.73 -0.66 -12.01
C SER B 163 -27.96 -1.41 -12.56
N ALA B 164 -28.43 -2.45 -11.85
CA ALA B 164 -29.65 -3.20 -12.19
C ALA B 164 -30.89 -2.28 -12.09
N HIS B 165 -31.03 -1.55 -10.98
CA HIS B 165 -32.30 -0.92 -10.52
C HIS B 165 -32.29 0.60 -10.57
N GLY B 166 -31.12 1.23 -10.52
CA GLY B 166 -30.95 2.69 -10.67
C GLY B 166 -31.06 3.42 -9.35
N ARG B 167 -30.34 2.95 -8.31
CA ARG B 167 -30.25 3.58 -6.97
C ARG B 167 -29.21 4.71 -7.01
N PRO B 168 -29.44 5.86 -6.32
CA PRO B 168 -28.41 6.88 -6.15
C PRO B 168 -27.11 6.31 -5.54
N ALA B 169 -25.97 6.59 -6.17
CA ALA B 169 -24.60 6.16 -5.74
C ALA B 169 -23.65 7.37 -5.73
N ALA B 170 -22.43 7.17 -5.23
CA ALA B 170 -21.42 8.24 -5.02
C ALA B 170 -20.65 8.53 -6.33
N GLY B 171 -20.44 9.81 -6.63
CA GLY B 171 -19.65 10.29 -7.78
C GLY B 171 -20.44 10.26 -9.08
N PHE B 172 -21.77 10.17 -9.01
CA PHE B 172 -22.70 10.09 -10.17
C PHE B 172 -23.73 11.23 -10.11
N ASP B 173 -23.95 11.91 -11.24
CA ASP B 173 -25.00 12.95 -11.43
C ASP B 173 -26.38 12.28 -11.36
N GLN B 174 -26.64 11.33 -12.27
CA GLN B 174 -27.87 10.50 -12.36
C GLN B 174 -27.46 9.02 -12.48
N VAL B 175 -28.17 8.12 -11.79
CA VAL B 175 -28.00 6.65 -11.93
C VAL B 175 -29.24 6.10 -12.65
N MET B 176 -29.01 5.26 -13.67
CA MET B 176 -30.06 4.69 -14.57
C MET B 176 -30.12 3.16 -14.36
N THR B 177 -31.08 2.48 -15.01
CA THR B 177 -31.42 1.04 -14.82
C THR B 177 -30.84 0.23 -16.00
N ASP B 178 -30.71 -1.11 -15.87
CA ASP B 178 -29.96 -1.97 -16.83
C ASP B 178 -30.82 -2.34 -18.05
N VAL B 179 -32.05 -1.82 -18.16
CA VAL B 179 -32.86 -1.91 -19.42
C VAL B 179 -32.72 -0.58 -20.19
N ALA B 180 -32.56 0.55 -19.48
CA ALA B 180 -32.09 1.84 -20.06
C ALA B 180 -30.58 1.76 -20.28
N THR B 181 -30.11 0.61 -20.80
CA THR B 181 -28.70 0.29 -21.13
C THR B 181 -28.34 0.96 -22.46
N HIS B 182 -29.30 0.95 -23.40
CA HIS B 182 -29.22 1.53 -24.76
C HIS B 182 -29.35 3.06 -24.68
N GLU B 183 -30.03 3.58 -23.64
CA GLU B 183 -30.19 5.04 -23.32
C GLU B 183 -28.85 5.60 -22.82
N ALA B 184 -28.19 4.85 -21.93
CA ALA B 184 -26.84 5.12 -21.40
C ALA B 184 -25.82 5.06 -22.54
N ALA B 185 -25.84 4.00 -23.35
CA ALA B 185 -24.97 3.79 -24.52
C ALA B 185 -25.18 4.91 -25.57
N GLY B 186 -26.43 5.33 -25.78
CA GLY B 186 -26.83 6.37 -26.75
C GLY B 186 -26.31 7.76 -26.40
N ARG B 187 -26.24 8.09 -25.09
CA ARG B 187 -25.77 9.41 -24.55
C ARG B 187 -24.26 9.39 -24.30
N ALA B 188 -23.63 8.21 -24.35
CA ALA B 188 -22.23 7.96 -23.93
C ALA B 188 -21.23 8.57 -24.93
N ASP B 189 -20.20 9.24 -24.40
CA ASP B 189 -18.92 9.59 -25.09
C ASP B 189 -17.80 8.68 -24.55
N VAL B 190 -17.97 8.13 -23.34
CA VAL B 190 -17.15 7.02 -22.77
C VAL B 190 -18.07 6.00 -22.07
N VAL B 191 -17.84 4.70 -22.30
CA VAL B 191 -18.53 3.55 -21.63
C VAL B 191 -17.49 2.74 -20.84
N ILE B 192 -17.83 2.32 -19.62
CA ILE B 192 -16.88 1.69 -18.64
C ILE B 192 -17.53 0.43 -18.03
N ASN B 193 -17.14 -0.75 -18.53
CA ASN B 193 -17.59 -2.07 -18.00
C ASN B 193 -16.92 -2.31 -16.64
N ALA B 194 -17.73 -2.30 -15.57
CA ALA B 194 -17.35 -2.72 -14.19
C ALA B 194 -18.40 -3.69 -13.64
N LEU B 195 -19.02 -4.50 -14.53
CA LEU B 195 -20.11 -5.48 -14.20
C LEU B 195 -19.51 -6.82 -13.82
N PRO B 196 -20.01 -7.50 -12.76
CA PRO B 196 -19.58 -8.86 -12.42
C PRO B 196 -20.26 -9.89 -13.33
N LEU B 197 -19.55 -10.98 -13.67
CA LEU B 197 -20.02 -12.01 -14.66
C LEU B 197 -21.13 -12.85 -14.00
N THR B 198 -22.38 -12.64 -14.44
CA THR B 198 -23.59 -13.42 -14.08
C THR B 198 -24.27 -13.89 -15.37
N PRO B 199 -25.15 -14.93 -15.34
CA PRO B 199 -25.88 -15.37 -16.54
C PRO B 199 -26.45 -14.21 -17.37
N ASP B 200 -27.13 -13.28 -16.70
CA ASP B 200 -27.70 -12.03 -17.30
C ASP B 200 -26.60 -11.21 -17.98
N THR B 201 -25.51 -10.91 -17.26
CA THR B 201 -24.40 -10.02 -17.71
C THR B 201 -23.49 -10.75 -18.72
N LYS B 202 -23.65 -12.07 -18.88
CA LYS B 202 -22.93 -12.91 -19.89
C LYS B 202 -23.34 -12.46 -21.30
N HIS B 203 -22.43 -11.81 -22.02
CA HIS B 203 -22.64 -11.16 -23.34
C HIS B 203 -23.70 -10.05 -23.20
N PHE B 204 -23.47 -9.10 -22.29
CA PHE B 204 -24.31 -7.89 -22.04
C PHE B 204 -23.89 -6.76 -22.99
N TYR B 205 -22.59 -6.69 -23.28
CA TYR B 205 -21.98 -5.85 -24.35
C TYR B 205 -21.86 -6.70 -25.62
N ASP B 206 -23.02 -7.17 -26.07
CA ASP B 206 -23.18 -7.99 -27.30
C ASP B 206 -23.39 -7.03 -28.47
N GLU B 207 -23.71 -7.61 -29.63
CA GLU B 207 -24.13 -6.93 -30.89
C GLU B 207 -25.00 -5.69 -30.57
N ALA B 208 -26.17 -5.91 -29.93
CA ALA B 208 -27.29 -4.94 -29.77
C ALA B 208 -26.85 -3.64 -29.05
N PHE B 209 -26.06 -3.79 -27.97
CA PHE B 209 -25.56 -2.70 -27.07
C PHE B 209 -24.92 -1.57 -27.90
N PHE B 210 -23.99 -1.94 -28.80
CA PHE B 210 -23.08 -1.02 -29.54
C PHE B 210 -23.86 -0.20 -30.58
N ALA B 211 -25.12 -0.57 -30.87
CA ALA B 211 -26.01 0.09 -31.88
C ALA B 211 -26.64 1.34 -31.29
N ALA B 212 -27.22 1.20 -30.10
CA ALA B 212 -27.71 2.33 -29.27
C ALA B 212 -26.59 3.36 -29.13
N ALA B 213 -25.35 2.91 -28.94
CA ALA B 213 -24.11 3.72 -28.88
C ALA B 213 -23.87 4.41 -30.23
N SER B 214 -24.51 5.58 -30.41
CA SER B 214 -24.47 6.43 -31.64
C SER B 214 -23.22 7.33 -31.64
N LYS B 215 -22.91 7.94 -30.49
CA LYS B 215 -21.77 8.89 -30.31
C LYS B 215 -20.46 8.08 -30.23
N GLN B 216 -20.40 6.91 -30.87
CA GLN B 216 -19.17 6.11 -31.12
C GLN B 216 -18.26 6.16 -29.91
N PRO B 217 -18.76 5.77 -28.71
CA PRO B 217 -18.03 5.99 -27.46
C PRO B 217 -16.78 5.11 -27.19
N LEU B 218 -15.77 5.69 -26.53
CA LEU B 218 -14.58 4.96 -26.01
C LEU B 218 -15.03 3.96 -24.94
N PHE B 219 -15.07 2.67 -25.30
CA PHE B 219 -15.52 1.53 -24.44
C PHE B 219 -14.33 1.02 -23.62
N ILE B 220 -14.52 0.85 -22.30
CA ILE B 220 -13.44 0.38 -21.36
C ILE B 220 -13.91 -0.91 -20.67
N ASN B 221 -13.17 -2.00 -20.88
CA ASN B 221 -13.39 -3.35 -20.30
C ASN B 221 -12.38 -3.57 -19.16
N ILE B 222 -12.79 -3.25 -17.91
CA ILE B 222 -12.05 -3.52 -16.65
C ILE B 222 -12.83 -4.52 -15.78
N GLY B 223 -14.07 -4.85 -16.19
CA GLY B 223 -14.94 -5.84 -15.52
C GLY B 223 -14.54 -7.27 -15.87
N ARG B 224 -15.30 -7.93 -16.75
CA ARG B 224 -15.01 -9.31 -17.23
C ARG B 224 -15.04 -9.34 -18.76
N GLY B 225 -14.33 -10.31 -19.35
CA GLY B 225 -14.32 -10.60 -20.80
C GLY B 225 -15.64 -11.22 -21.26
N PRO B 226 -16.04 -12.40 -20.70
CA PRO B 226 -17.27 -13.08 -21.12
C PRO B 226 -18.54 -12.21 -21.08
N SER B 227 -18.53 -11.14 -20.26
CA SER B 227 -19.59 -10.10 -20.19
C SER B 227 -19.69 -9.34 -21.53
N VAL B 228 -18.60 -9.35 -22.32
CA VAL B 228 -18.52 -8.82 -23.73
C VAL B 228 -18.59 -9.99 -24.72
N ASP B 229 -19.40 -9.83 -25.78
CA ASP B 229 -19.33 -10.69 -27.00
C ASP B 229 -18.27 -10.10 -27.92
N MET B 230 -17.22 -10.88 -28.20
CA MET B 230 -15.91 -10.40 -28.72
C MET B 230 -15.97 -10.30 -30.26
N ALA B 231 -16.77 -11.16 -30.90
CA ALA B 231 -17.12 -11.08 -32.33
C ALA B 231 -17.96 -9.81 -32.57
N ALA B 232 -18.86 -9.49 -31.63
CA ALA B 232 -19.79 -8.33 -31.64
C ALA B 232 -19.06 -7.04 -31.20
N LEU B 233 -18.01 -7.17 -30.38
CA LEU B 233 -17.04 -6.07 -30.10
C LEU B 233 -16.19 -5.84 -31.36
N THR B 234 -15.35 -6.81 -31.74
CA THR B 234 -14.42 -6.79 -32.91
C THR B 234 -15.11 -6.15 -34.13
N GLN B 235 -16.36 -6.55 -34.41
CA GLN B 235 -17.17 -6.06 -35.55
C GLN B 235 -17.51 -4.57 -35.37
N ALA B 236 -18.25 -4.22 -34.30
CA ALA B 236 -18.72 -2.85 -33.95
C ALA B 236 -17.59 -1.81 -34.05
N LEU B 237 -16.34 -2.25 -33.86
CA LEU B 237 -15.09 -1.45 -33.96
C LEU B 237 -14.80 -1.12 -35.44
N LYS B 238 -14.48 -2.14 -36.24
CA LYS B 238 -14.20 -2.03 -37.69
C LYS B 238 -15.20 -1.03 -38.32
N ASN B 239 -16.38 -0.88 -37.71
CA ASN B 239 -17.57 -0.23 -38.31
C ASN B 239 -17.98 0.99 -37.49
N LYS B 240 -17.04 1.59 -36.75
CA LYS B 240 -17.22 2.90 -36.05
C LYS B 240 -18.57 2.94 -35.31
N GLN B 241 -18.79 1.97 -34.42
CA GLN B 241 -19.91 1.98 -33.45
C GLN B 241 -19.36 2.42 -32.10
N ILE B 242 -18.01 2.40 -31.98
CA ILE B 242 -17.24 2.89 -30.79
C ILE B 242 -15.83 3.34 -31.24
N SER B 243 -15.54 4.65 -31.16
CA SER B 243 -14.32 5.36 -31.67
C SER B 243 -13.01 4.74 -31.16
N ALA B 244 -12.94 4.47 -29.85
CA ALA B 244 -11.82 3.76 -29.20
C ALA B 244 -12.37 2.85 -28.10
N ALA B 245 -11.50 2.11 -27.40
CA ALA B 245 -11.88 1.14 -26.34
C ALA B 245 -10.63 0.74 -25.53
N ALA B 246 -10.83 -0.03 -24.43
CA ALA B 246 -9.78 -0.47 -23.47
C ALA B 246 -10.16 -1.82 -22.84
N LEU B 247 -9.49 -2.90 -23.27
CA LEU B 247 -9.82 -4.31 -22.89
C LEU B 247 -8.75 -4.89 -21.95
N ASP B 248 -8.88 -4.62 -20.66
CA ASP B 248 -8.02 -5.14 -19.56
C ASP B 248 -8.22 -6.66 -19.45
N VAL B 249 -9.45 -7.12 -19.72
CA VAL B 249 -9.87 -8.55 -19.76
C VAL B 249 -10.42 -8.87 -21.15
N VAL B 250 -10.66 -10.16 -21.43
CA VAL B 250 -11.09 -10.68 -22.75
C VAL B 250 -11.83 -12.02 -22.55
N ASP B 251 -12.44 -12.54 -23.62
CA ASP B 251 -13.15 -13.85 -23.62
C ASP B 251 -12.88 -14.58 -24.94
N PRO B 252 -12.09 -15.69 -24.96
CA PRO B 252 -11.45 -16.25 -23.76
C PRO B 252 -10.26 -15.41 -23.25
N GLU B 253 -9.76 -15.75 -22.06
CA GLU B 253 -8.48 -15.22 -21.52
C GLU B 253 -7.53 -16.39 -21.30
N PRO B 254 -6.34 -16.42 -21.96
CA PRO B 254 -5.79 -15.25 -22.64
C PRO B 254 -6.51 -14.94 -23.96
N LEU B 255 -6.37 -13.70 -24.45
CA LEU B 255 -6.67 -13.36 -25.86
C LEU B 255 -5.86 -14.29 -26.78
N PRO B 256 -6.50 -15.03 -27.72
CA PRO B 256 -5.77 -15.99 -28.57
C PRO B 256 -4.89 -15.35 -29.65
N GLN B 257 -3.87 -16.07 -30.14
CA GLN B 257 -2.82 -15.51 -31.04
C GLN B 257 -3.43 -15.03 -32.37
N ASP B 258 -4.63 -15.52 -32.73
CA ASP B 258 -5.38 -15.12 -33.95
C ASP B 258 -6.16 -13.81 -33.74
N SER B 259 -6.64 -13.54 -32.52
CA SER B 259 -7.64 -12.48 -32.22
C SER B 259 -7.39 -11.23 -33.07
N PRO B 260 -8.44 -10.64 -33.67
CA PRO B 260 -8.29 -9.43 -34.48
C PRO B 260 -7.69 -8.28 -33.67
N LEU B 261 -8.00 -8.29 -32.36
CA LEU B 261 -7.75 -7.21 -31.38
C LEU B 261 -6.25 -6.90 -31.25
N TRP B 262 -5.37 -7.89 -31.50
CA TRP B 262 -3.94 -7.92 -31.06
C TRP B 262 -3.14 -6.72 -31.57
N GLY B 263 -2.85 -6.70 -32.87
CA GLY B 263 -2.31 -5.59 -33.67
C GLY B 263 -3.45 -4.93 -34.39
N MET B 264 -4.61 -4.96 -33.73
CA MET B 264 -5.76 -4.10 -34.02
C MET B 264 -5.33 -2.63 -33.83
N LEU B 269 -4.80 -3.33 -25.24
CA LEU B 269 -4.81 -4.68 -24.64
C LEU B 269 -3.75 -4.78 -23.53
N THR B 270 -4.18 -4.59 -22.28
CA THR B 270 -3.37 -4.85 -21.06
C THR B 270 -3.82 -6.18 -20.44
N PRO B 271 -2.88 -7.00 -19.96
CA PRO B 271 -3.18 -8.40 -19.66
C PRO B 271 -3.66 -8.67 -18.23
N HIS B 272 -4.84 -8.14 -17.87
CA HIS B 272 -5.40 -8.15 -16.49
C HIS B 272 -4.34 -7.57 -15.54
N ILE B 273 -4.20 -6.23 -15.56
CA ILE B 273 -3.24 -5.45 -14.71
C ILE B 273 -3.95 -4.28 -14.02
N SER B 274 -5.18 -3.92 -14.42
CA SER B 274 -5.95 -2.77 -13.88
C SER B 274 -6.26 -2.98 -12.38
N GLY B 275 -6.53 -4.23 -11.99
CA GLY B 275 -6.79 -4.63 -10.58
C GLY B 275 -5.53 -5.01 -9.84
N THR B 276 -4.41 -4.31 -10.09
CA THR B 276 -3.09 -4.51 -9.39
C THR B 276 -3.01 -3.54 -8.21
N VAL B 277 -2.43 -3.98 -7.07
CA VAL B 277 -2.43 -3.24 -5.77
C VAL B 277 -1.05 -3.32 -5.15
N PRO B 278 -0.34 -2.17 -4.93
CA PRO B 278 0.92 -2.14 -4.18
C PRO B 278 0.75 -2.58 -2.71
N GLN B 279 1.32 -3.74 -2.38
CA GLN B 279 1.17 -4.44 -1.07
C GLN B 279 -0.20 -5.13 -1.03
N LEU B 280 -0.48 -6.08 -1.95
CA LEU B 280 -1.75 -6.86 -1.99
C LEU B 280 -1.85 -7.83 -0.81
N ARG B 281 -0.86 -8.73 -0.65
CA ARG B 281 -0.83 -9.82 0.37
C ARG B 281 -1.30 -9.33 1.74
N ASP B 282 -0.87 -8.12 2.14
CA ASP B 282 -1.40 -7.34 3.30
C ASP B 282 -2.92 -7.15 3.15
N LYS B 283 -3.32 -6.37 2.13
CA LYS B 283 -4.69 -5.82 1.96
C LYS B 283 -5.69 -6.93 1.62
N VAL B 284 -5.24 -8.19 1.50
CA VAL B 284 -6.13 -9.40 1.47
C VAL B 284 -6.09 -10.08 2.84
N PHE B 285 -4.90 -10.31 3.42
CA PHE B 285 -4.75 -10.96 4.74
C PHE B 285 -5.50 -10.15 5.81
N LYS B 286 -5.52 -8.82 5.69
CA LYS B 286 -6.25 -7.95 6.65
C LYS B 286 -7.75 -8.20 6.50
N ILE B 287 -8.31 -8.22 5.29
CA ILE B 287 -9.74 -8.59 5.04
C ILE B 287 -9.94 -10.05 5.49
N PHE B 288 -9.10 -10.99 5.02
CA PHE B 288 -9.08 -12.43 5.44
C PHE B 288 -9.11 -12.53 6.96
N ASN B 289 -8.20 -11.79 7.60
CA ASN B 289 -7.78 -11.98 9.02
C ASN B 289 -8.49 -10.95 9.92
N ASP B 290 -9.24 -10.02 9.32
CA ASP B 290 -10.37 -9.28 9.96
C ASP B 290 -11.66 -10.14 9.78
N ASN B 291 -11.74 -10.91 8.69
CA ASN B 291 -12.80 -11.91 8.42
C ASN B 291 -12.27 -13.33 8.69
N LEU B 292 -11.30 -13.47 9.60
CA LEU B 292 -10.98 -14.74 10.32
C LEU B 292 -11.49 -14.63 11.75
N LYS B 293 -11.55 -13.42 12.30
CA LYS B 293 -11.68 -13.14 13.76
C LYS B 293 -13.14 -12.84 14.16
N THR B 294 -13.81 -12.01 13.34
CA THR B 294 -15.24 -11.61 13.52
C THR B 294 -16.13 -12.86 13.42
N LEU B 295 -15.83 -13.72 12.44
CA LEU B 295 -16.49 -15.03 12.24
C LEU B 295 -16.27 -15.89 13.51
N ILE B 296 -15.06 -15.95 14.10
CA ILE B 296 -14.75 -16.81 15.29
C ILE B 296 -15.62 -16.36 16.48
N SER B 297 -15.90 -15.06 16.63
CA SER B 297 -16.72 -14.51 17.75
C SER B 297 -18.20 -14.86 17.52
N SER B 298 -18.78 -14.49 16.36
CA SER B 298 -20.19 -14.86 16.03
C SER B 298 -20.21 -15.99 14.97
N GLY B 299 -19.66 -15.74 13.79
CA GLY B 299 -19.81 -16.64 12.62
C GLY B 299 -20.30 -15.90 11.38
N GLN B 300 -20.06 -14.58 11.31
CA GLN B 300 -20.29 -13.73 10.12
C GLN B 300 -18.98 -13.09 9.68
N LEU B 301 -18.96 -12.42 8.52
CA LEU B 301 -17.77 -11.74 7.95
C LEU B 301 -17.88 -10.21 8.21
N ALA B 302 -16.80 -9.63 8.78
CA ALA B 302 -16.69 -8.22 9.24
C ALA B 302 -16.97 -7.26 8.07
N SER B 303 -16.42 -7.56 6.89
CA SER B 303 -16.58 -6.76 5.65
C SER B 303 -16.52 -7.66 4.41
N HIS B 304 -16.85 -7.12 3.23
CA HIS B 304 -16.60 -7.69 1.87
C HIS B 304 -17.37 -9.01 1.67
N GLN B 305 -18.54 -9.19 2.30
CA GLN B 305 -19.29 -10.48 2.24
C GLN B 305 -19.96 -10.63 0.87
N VAL B 306 -19.60 -11.69 0.15
CA VAL B 306 -20.07 -12.01 -1.23
C VAL B 306 -21.49 -12.58 -1.16
N ASP B 307 -22.39 -12.04 -1.97
CA ASP B 307 -23.69 -12.68 -2.33
C ASP B 307 -23.42 -13.68 -3.45
N LEU B 308 -23.33 -14.98 -3.11
CA LEU B 308 -22.81 -16.09 -3.96
C LEU B 308 -23.55 -16.14 -5.30
N THR B 309 -24.77 -15.60 -5.31
CA THR B 309 -25.77 -15.67 -6.42
C THR B 309 -25.53 -14.50 -7.37
N ARG B 310 -25.31 -13.31 -6.82
CA ARG B 310 -25.05 -12.05 -7.57
C ARG B 310 -23.56 -11.95 -7.92
N GLY B 311 -22.70 -12.74 -7.25
CA GLY B 311 -21.26 -12.84 -7.51
C GLY B 311 -20.43 -12.02 -6.54
#